data_4EA8
#
_entry.id   4EA8
#
_cell.length_a   115.462
_cell.length_b   115.462
_cell.length_c   115.462
_cell.angle_alpha   90.00
_cell.angle_beta   90.00
_cell.angle_gamma   90.00
#
_symmetry.space_group_name_H-M   'I 2 3'
#
loop_
_entity.id
_entity.type
_entity.pdbx_description
1 polymer 'Perosamine N-acetyltransferase'
2 non-polymer 'COENZYME A'
3 non-polymer GDP-N-acetylperosamine
4 non-polymer 'CHLORIDE ION'
5 water water
#
_entity_poly.entity_id   1
_entity_poly.type   'polypeptide(L)'
_entity_poly.pdbx_seq_one_letter_code
;GHMGAASASLAIGGVVIIGGGGHAKVVIESLRACGETVAAIVDADPTRRAVLGVPVVGDDLALPMLREQGLSRLFVAIGD
NRLRQKLGRKARDHGFSLVNAIHPSAVVSPSVRLGEGVAVMAGVAINADSWIGDLAIINTGAVVDHDCRLGAACHLGPAS
ALAGGVSVGERAFLGVGARVIPGVTIGADTIVGAGGVVVRDLPDSVLAIGVPAKIKGDRS
;
_entity_poly.pdbx_strand_id   A
#
# COMPACT_ATOMS: atom_id res chain seq x y z
N ALA A 8 -26.78 -1.35 7.32
CA ALA A 8 -26.12 -0.15 7.86
C ALA A 8 -26.25 -0.09 9.36
N SER A 9 -26.67 -1.15 10.11
CA SER A 9 -26.35 -1.00 11.51
C SER A 9 -24.98 -1.56 11.84
N LEU A 10 -24.19 -0.77 12.58
CA LEU A 10 -22.81 -1.15 12.78
C LEU A 10 -22.51 -0.94 14.28
N ALA A 11 -21.42 -1.53 14.67
CA ALA A 11 -20.82 -1.35 15.97
C ALA A 11 -20.13 0.02 16.11
N ILE A 12 -19.79 0.34 17.39
CA ILE A 12 -19.11 1.61 17.67
C ILE A 12 -17.62 1.46 17.42
N GLY A 13 -16.86 2.18 16.60
CA GLY A 13 -15.42 2.26 16.71
C GLY A 13 -14.40 1.70 15.78
N GLY A 14 -14.85 0.89 14.84
CA GLY A 14 -13.90 0.28 13.97
C GLY A 14 -13.38 1.00 12.77
N VAL A 15 -12.73 0.26 11.90
CA VAL A 15 -12.12 0.78 10.69
C VAL A 15 -13.03 0.53 9.50
N VAL A 16 -13.24 1.56 8.69
CA VAL A 16 -13.93 1.46 7.42
C VAL A 16 -12.90 1.10 6.33
N ILE A 17 -13.22 0.17 5.43
CA ILE A 17 -12.32 -0.12 4.31
CA ILE A 17 -12.39 -0.23 4.31
C ILE A 17 -13.02 0.25 3.01
N ILE A 18 -12.23 0.99 2.18
CA ILE A 18 -12.58 1.23 0.78
C ILE A 18 -11.98 0.10 -0.05
N GLY A 19 -12.84 -0.67 -0.70
CA GLY A 19 -12.43 -1.82 -1.52
C GLY A 19 -12.75 -3.15 -0.82
N GLY A 20 -13.26 -4.09 -1.64
CA GLY A 20 -13.70 -5.39 -1.14
C GLY A 20 -13.21 -6.60 -1.90
N GLY A 21 -12.04 -6.45 -2.54
CA GLY A 21 -11.42 -7.48 -3.34
C GLY A 21 -10.38 -8.30 -2.58
N GLY A 22 -9.52 -8.99 -3.35
CA GLY A 22 -8.49 -9.84 -2.76
C GLY A 22 -7.51 -9.11 -1.84
N HIS A 23 -7.11 -7.89 -2.30
CA HIS A 23 -6.22 -7.09 -1.46
C HIS A 23 -6.88 -6.72 -0.12
N ALA A 24 -8.17 -6.37 -0.17
CA ALA A 24 -8.92 -6.13 1.05
C ALA A 24 -8.91 -7.32 2.01
N LYS A 25 -9.05 -8.54 1.50
CA LYS A 25 -9.02 -9.69 2.38
C LYS A 25 -7.73 -9.70 3.22
N VAL A 26 -6.59 -9.47 2.53
CA VAL A 26 -5.29 -9.53 3.22
C VAL A 26 -5.21 -8.40 4.24
N VAL A 27 -5.62 -7.20 3.85
CA VAL A 27 -5.62 -6.04 4.76
C VAL A 27 -6.50 -6.28 6.00
N ILE A 28 -7.69 -6.85 5.80
CA ILE A 28 -8.59 -7.16 6.90
C ILE A 28 -7.86 -8.07 7.91
N GLU A 29 -7.20 -9.09 7.38
CA GLU A 29 -6.50 -10.03 8.27
C GLU A 29 -5.34 -9.37 8.99
N SER A 30 -4.63 -8.44 8.38
CA SER A 30 -3.56 -7.71 9.09
C SER A 30 -4.15 -6.90 10.23
N LEU A 31 -5.24 -6.17 9.97
CA LEU A 31 -5.91 -5.37 10.97
C LEU A 31 -6.40 -6.21 12.14
N ARG A 32 -7.06 -7.34 11.83
CA ARG A 32 -7.54 -8.20 12.89
C ARG A 32 -6.40 -8.80 13.69
N ALA A 33 -5.27 -9.15 13.05
CA ALA A 33 -4.12 -9.73 13.76
C ALA A 33 -3.58 -8.73 14.80
N CYS A 34 -3.78 -7.42 14.57
CA CYS A 34 -3.38 -6.39 15.49
C CYS A 34 -4.42 -6.12 16.57
N GLY A 35 -5.56 -6.79 16.55
CA GLY A 35 -6.61 -6.48 17.50
C GLY A 35 -7.61 -5.41 17.10
N GLU A 36 -7.52 -4.93 15.85
CA GLU A 36 -8.46 -3.95 15.38
CA GLU A 36 -8.48 -3.93 15.41
C GLU A 36 -9.78 -4.61 14.96
N THR A 37 -10.86 -3.85 14.98
CA THR A 37 -12.16 -4.25 14.47
C THR A 37 -12.38 -3.55 13.14
N VAL A 38 -12.83 -4.28 12.13
CA VAL A 38 -13.19 -3.76 10.82
C VAL A 38 -14.70 -3.55 10.80
N ALA A 39 -15.17 -2.30 10.65
CA ALA A 39 -16.57 -2.00 10.78
C ALA A 39 -17.40 -2.34 9.52
N ALA A 40 -16.91 -2.00 8.34
CA ALA A 40 -17.69 -2.03 7.12
C ALA A 40 -16.79 -1.83 5.91
N ILE A 41 -17.25 -2.25 4.77
CA ILE A 41 -16.65 -2.02 3.46
C ILE A 41 -17.56 -1.16 2.60
N VAL A 42 -16.93 -0.25 1.85
CA VAL A 42 -17.61 0.41 0.71
C VAL A 42 -16.94 -0.10 -0.57
N ASP A 43 -17.75 -0.48 -1.56
CA ASP A 43 -17.28 -1.12 -2.76
C ASP A 43 -18.06 -0.62 -3.94
N ALA A 44 -17.44 -0.44 -5.11
CA ALA A 44 -18.13 0.06 -6.27
C ALA A 44 -19.16 -0.89 -6.81
N ASP A 45 -19.02 -2.16 -6.48
CA ASP A 45 -20.16 -3.06 -6.62
C ASP A 45 -20.92 -2.99 -5.30
N PRO A 46 -21.97 -2.20 -5.03
CA PRO A 46 -22.49 -2.04 -3.67
C PRO A 46 -23.41 -3.17 -3.15
N ALA A 50 -20.45 -9.51 1.72
CA ALA A 50 -19.53 -9.51 2.81
C ALA A 50 -18.17 -9.98 2.32
N VAL A 51 -17.14 -9.54 2.96
CA VAL A 51 -15.78 -9.91 2.68
C VAL A 51 -15.16 -10.41 4.00
N LEU A 52 -14.87 -11.71 4.10
CA LEU A 52 -14.35 -12.29 5.34
C LEU A 52 -15.16 -11.85 6.56
N GLY A 53 -16.47 -11.82 6.39
CA GLY A 53 -17.35 -11.48 7.51
C GLY A 53 -17.59 -10.00 7.71
N VAL A 54 -16.98 -9.13 6.93
CA VAL A 54 -17.22 -7.66 7.03
C VAL A 54 -18.31 -7.29 6.07
N PRO A 55 -19.32 -6.58 6.52
CA PRO A 55 -20.44 -6.22 5.59
C PRO A 55 -20.03 -5.18 4.58
N VAL A 56 -20.48 -5.36 3.36
CA VAL A 56 -20.43 -4.29 2.33
C VAL A 56 -21.70 -3.47 2.47
N VAL A 57 -21.57 -2.20 2.78
CA VAL A 57 -22.71 -1.36 3.13
C VAL A 57 -23.16 -0.41 2.04
N GLY A 58 -22.42 -0.30 0.95
CA GLY A 58 -22.75 0.57 -0.18
C GLY A 58 -21.47 0.86 -0.98
N ASP A 59 -21.57 1.84 -1.83
CA ASP A 59 -20.43 2.36 -2.58
C ASP A 59 -19.91 3.59 -1.91
N ASP A 60 -19.05 4.36 -2.59
CA ASP A 60 -18.38 5.48 -1.92
C ASP A 60 -19.37 6.57 -1.51
N LEU A 61 -20.56 6.60 -2.10
CA LEU A 61 -21.59 7.55 -1.65
C LEU A 61 -22.03 7.30 -0.20
N ALA A 62 -21.73 6.12 0.40
CA ALA A 62 -22.06 5.83 1.76
C ALA A 62 -21.03 6.44 2.73
N LEU A 63 -19.91 7.03 2.25
CA LEU A 63 -18.91 7.55 3.19
C LEU A 63 -19.49 8.66 4.07
N PRO A 64 -20.27 9.65 3.63
CA PRO A 64 -20.78 10.67 4.57
C PRO A 64 -21.60 10.08 5.70
N MET A 65 -22.44 9.09 5.34
CA MET A 65 -23.32 8.38 6.26
C MET A 65 -22.51 7.69 7.37
N LEU A 66 -21.43 7.03 6.97
CA LEU A 66 -20.55 6.34 7.89
C LEU A 66 -19.90 7.34 8.86
N ARG A 67 -19.44 8.47 8.33
CA ARG A 67 -18.80 9.50 9.15
C ARG A 67 -19.77 10.08 10.17
N GLU A 68 -20.97 10.36 9.72
CA GLU A 68 -22.03 10.92 10.58
C GLU A 68 -22.38 10.00 11.74
N GLN A 69 -22.30 8.67 11.53
CA GLN A 69 -22.56 7.71 12.58
C GLN A 69 -21.38 7.43 13.49
N GLY A 70 -20.30 8.22 13.33
CA GLY A 70 -19.25 8.20 14.29
C GLY A 70 -18.00 7.47 13.90
N LEU A 71 -18.02 6.84 12.74
CA LEU A 71 -16.82 6.14 12.25
C LEU A 71 -15.90 7.19 11.64
N SER A 72 -14.64 7.10 12.02
CA SER A 72 -13.66 8.12 11.62
C SER A 72 -12.31 7.61 11.19
N ARG A 73 -12.11 6.30 11.21
CA ARG A 73 -10.88 5.64 10.86
C ARG A 73 -11.09 4.79 9.58
N LEU A 74 -10.14 4.87 8.62
CA LEU A 74 -10.36 4.27 7.33
C LEU A 74 -9.06 3.73 6.75
N PHE A 75 -9.16 2.70 5.91
CA PHE A 75 -8.06 2.16 5.12
C PHE A 75 -8.52 2.02 3.68
N VAL A 76 -7.66 2.38 2.71
CA VAL A 76 -7.97 2.21 1.29
C VAL A 76 -7.29 0.93 0.78
N ALA A 77 -8.07 -0.14 0.60
CA ALA A 77 -7.62 -1.44 0.17
C ALA A 77 -7.91 -1.65 -1.34
N ILE A 78 -7.22 -0.86 -2.12
CA ILE A 78 -7.33 -0.84 -3.57
C ILE A 78 -5.92 -1.03 -4.16
N GLY A 79 -5.71 -2.04 -4.96
CA GLY A 79 -4.40 -2.32 -5.48
C GLY A 79 -3.88 -1.28 -6.47
N ASP A 80 -4.75 -0.74 -7.32
CA ASP A 80 -4.33 0.20 -8.35
CA ASP A 80 -4.38 0.22 -8.36
C ASP A 80 -3.81 1.46 -7.69
N ASN A 81 -2.57 1.85 -8.00
CA ASN A 81 -1.94 2.91 -7.21
C ASN A 81 -2.57 4.27 -7.44
N ARG A 82 -2.84 4.64 -8.68
CA ARG A 82 -3.44 5.97 -8.92
C ARG A 82 -4.82 6.07 -8.28
N LEU A 83 -5.62 5.04 -8.43
CA LEU A 83 -6.97 5.04 -7.83
C LEU A 83 -6.91 5.09 -6.31
N ARG A 84 -6.01 4.28 -5.74
CA ARG A 84 -5.85 4.29 -4.27
C ARG A 84 -5.55 5.68 -3.78
N GLN A 85 -4.62 6.38 -4.48
CA GLN A 85 -4.23 7.69 -4.07
C GLN A 85 -5.43 8.66 -4.11
N LYS A 86 -6.23 8.58 -5.15
CA LYS A 86 -7.40 9.45 -5.28
CA LYS A 86 -7.42 9.40 -5.31
C LYS A 86 -8.42 9.12 -4.21
N LEU A 87 -8.65 7.87 -3.90
CA LEU A 87 -9.63 7.51 -2.86
C LEU A 87 -9.16 7.88 -1.47
N GLY A 88 -7.83 7.85 -1.23
CA GLY A 88 -7.31 8.36 0.03
C GLY A 88 -7.62 9.81 0.25
N ARG A 89 -7.43 10.63 -0.82
CA ARG A 89 -7.75 12.07 -0.72
CA ARG A 89 -7.76 12.04 -0.72
C ARG A 89 -9.24 12.26 -0.44
N LYS A 90 -10.09 11.50 -1.12
CA LYS A 90 -11.55 11.59 -0.92
C LYS A 90 -11.91 11.26 0.50
N ALA A 91 -11.34 10.16 1.03
CA ALA A 91 -11.62 9.77 2.41
C ALA A 91 -11.23 10.86 3.39
N ARG A 92 -10.06 11.46 3.21
CA ARG A 92 -9.63 12.55 4.09
C ARG A 92 -10.55 13.77 3.99
N ASP A 93 -11.00 14.08 2.78
CA ASP A 93 -11.91 15.20 2.59
C ASP A 93 -13.22 14.93 3.41
N HIS A 94 -13.66 13.69 3.47
CA HIS A 94 -14.87 13.29 4.18
C HIS A 94 -14.63 13.18 5.68
N GLY A 95 -13.45 13.50 6.20
CA GLY A 95 -13.23 13.54 7.64
C GLY A 95 -12.67 12.28 8.24
N PHE A 96 -12.24 11.35 7.40
CA PHE A 96 -11.62 10.13 7.93
C PHE A 96 -10.13 10.33 8.10
N SER A 97 -9.58 9.65 9.13
CA SER A 97 -8.12 9.51 9.31
C SER A 97 -7.70 8.18 8.69
N LEU A 98 -6.59 8.17 7.97
CA LEU A 98 -6.11 6.96 7.33
C LEU A 98 -5.22 6.20 8.32
N VAL A 99 -5.61 5.01 8.68
CA VAL A 99 -4.84 4.14 9.56
C VAL A 99 -3.78 3.41 8.72
N ASN A 100 -2.87 2.73 9.43
CA ASN A 100 -1.95 1.80 8.80
C ASN A 100 -2.42 0.35 9.06
N ALA A 101 -2.13 -0.55 8.14
CA ALA A 101 -2.47 -1.97 8.26
C ALA A 101 -1.16 -2.75 8.21
N ILE A 102 -0.55 -2.98 9.37
CA ILE A 102 0.78 -3.55 9.49
C ILE A 102 0.67 -4.89 10.20
N HIS A 103 0.95 -5.97 9.48
CA HIS A 103 0.84 -7.29 10.09
C HIS A 103 1.82 -7.40 11.26
N PRO A 104 1.46 -8.05 12.38
CA PRO A 104 2.38 -8.11 13.52
C PRO A 104 3.70 -8.82 13.29
N SER A 105 3.80 -9.69 12.31
CA SER A 105 4.99 -10.42 11.90
C SER A 105 5.95 -9.54 11.11
N ALA A 106 5.51 -8.40 10.60
CA ALA A 106 6.43 -7.52 9.89
C ALA A 106 7.44 -6.92 10.87
N VAL A 107 8.66 -6.76 10.45
CA VAL A 107 9.72 -6.14 11.26
C VAL A 107 9.96 -4.74 10.69
N VAL A 108 9.57 -3.74 11.43
CA VAL A 108 9.69 -2.34 11.05
C VAL A 108 10.69 -1.72 12.05
N SER A 109 11.87 -1.32 11.56
CA SER A 109 12.89 -0.74 12.40
C SER A 109 12.38 0.49 13.13
N PRO A 110 12.89 0.74 14.33
CA PRO A 110 12.45 1.92 15.10
C PRO A 110 12.81 3.26 14.52
N SER A 111 13.73 3.33 13.57
CA SER A 111 14.06 4.57 12.89
C SER A 111 13.35 4.75 11.56
N VAL A 112 12.44 3.83 11.19
CA VAL A 112 11.63 4.00 9.98
C VAL A 112 10.60 5.09 10.19
N ARG A 113 10.39 5.94 9.20
CA ARG A 113 9.35 6.95 9.13
CA ARG A 113 9.33 6.94 9.17
C ARG A 113 8.21 6.40 8.29
N LEU A 114 7.03 6.26 8.87
CA LEU A 114 5.84 5.77 8.21
C LEU A 114 4.84 6.89 8.00
N GLY A 115 4.26 6.92 6.81
CA GLY A 115 3.13 7.75 6.47
C GLY A 115 1.84 7.14 7.03
N GLU A 116 0.73 7.48 6.39
CA GLU A 116 -0.61 7.07 6.74
C GLU A 116 -1.25 6.28 5.60
N GLY A 117 -2.15 5.38 5.91
CA GLY A 117 -2.75 4.56 4.88
C GLY A 117 -1.82 3.54 4.26
N VAL A 118 -0.75 3.18 4.97
CA VAL A 118 0.27 2.27 4.51
C VAL A 118 -0.10 0.83 4.85
N ALA A 119 0.02 -0.08 3.86
CA ALA A 119 -0.11 -1.54 4.08
C ALA A 119 1.25 -2.16 4.18
N VAL A 120 1.52 -2.93 5.22
CA VAL A 120 2.75 -3.69 5.40
C VAL A 120 2.34 -5.13 5.72
N MET A 121 2.56 -6.06 4.79
CA MET A 121 2.05 -7.41 4.91
C MET A 121 2.93 -8.30 5.77
N ALA A 122 2.45 -9.52 6.01
CA ALA A 122 3.22 -10.51 6.78
C ALA A 122 4.60 -10.71 6.20
N GLY A 123 5.56 -10.97 7.06
CA GLY A 123 6.87 -11.38 6.66
C GLY A 123 7.78 -10.29 6.10
N VAL A 124 7.36 -9.04 6.09
CA VAL A 124 8.14 -7.93 5.59
C VAL A 124 9.26 -7.60 6.59
N ALA A 125 10.38 -7.08 6.06
CA ALA A 125 11.38 -6.40 6.88
C ALA A 125 11.70 -5.05 6.28
N ILE A 126 11.71 -4.01 7.09
CA ILE A 126 12.08 -2.64 6.70
C ILE A 126 13.19 -2.16 7.68
N ASN A 127 14.36 -1.84 7.15
CA ASN A 127 15.52 -1.44 7.94
C ASN A 127 15.69 0.04 8.13
N ALA A 128 16.73 0.37 8.91
CA ALA A 128 17.03 1.68 9.47
C ALA A 128 16.90 2.84 8.49
N ASP A 129 16.23 3.90 8.92
CA ASP A 129 16.20 5.22 8.35
C ASP A 129 15.52 5.17 6.98
N SER A 130 14.69 4.19 6.69
CA SER A 130 13.86 4.21 5.53
C SER A 130 12.59 5.06 5.78
N TRP A 131 12.12 5.68 4.71
CA TRP A 131 10.93 6.54 4.76
C TRP A 131 9.88 5.97 3.80
N ILE A 132 8.70 5.79 4.33
CA ILE A 132 7.60 5.14 3.62
C ILE A 132 6.44 6.12 3.45
N GLY A 133 6.17 6.55 2.22
CA GLY A 133 5.15 7.53 1.92
C GLY A 133 3.75 7.03 2.17
N ASP A 134 2.83 8.02 2.31
CA ASP A 134 1.42 7.71 2.51
C ASP A 134 0.95 6.75 1.40
N LEU A 135 0.07 5.83 1.79
CA LEU A 135 -0.63 4.97 0.83
C LEU A 135 0.27 3.98 0.10
N ALA A 136 1.51 3.81 0.54
CA ALA A 136 2.36 2.77 -0.02
C ALA A 136 1.85 1.40 0.35
N ILE A 137 2.17 0.40 -0.47
CA ILE A 137 1.99 -1.02 -0.16
C ILE A 137 3.36 -1.70 -0.14
N ILE A 138 3.70 -2.33 0.97
CA ILE A 138 4.89 -3.17 1.09
C ILE A 138 4.36 -4.58 1.28
N ASN A 139 4.29 -5.34 0.19
CA ASN A 139 3.52 -6.57 0.14
C ASN A 139 4.29 -7.76 0.68
N THR A 140 3.64 -8.92 0.69
CA THR A 140 4.00 -10.06 1.52
C THR A 140 5.44 -10.48 1.31
N GLY A 141 6.22 -10.55 2.39
CA GLY A 141 7.58 -10.98 2.33
C GLY A 141 8.57 -10.01 1.73
N ALA A 142 8.19 -8.80 1.36
CA ALA A 142 9.11 -7.87 0.75
C ALA A 142 10.14 -7.38 1.75
N VAL A 143 11.31 -7.00 1.22
CA VAL A 143 12.45 -6.47 2.00
C VAL A 143 12.78 -5.07 1.53
N VAL A 144 12.91 -4.13 2.48
CA VAL A 144 13.33 -2.77 2.23
C VAL A 144 14.53 -2.54 3.13
N ASP A 145 15.73 -2.43 2.55
CA ASP A 145 16.95 -2.25 3.34
C ASP A 145 17.08 -0.78 3.79
N HIS A 146 18.21 -0.46 4.42
CA HIS A 146 18.42 0.82 5.06
C HIS A 146 18.37 1.99 4.05
N ASP A 147 17.94 3.15 4.58
CA ASP A 147 18.07 4.40 3.87
C ASP A 147 17.30 4.47 2.52
N CYS A 148 16.25 3.72 2.37
CA CYS A 148 15.36 3.76 1.23
C CYS A 148 14.29 4.87 1.39
N ARG A 149 13.78 5.30 0.24
CA ARG A 149 12.76 6.35 0.15
C ARG A 149 11.66 5.87 -0.75
N LEU A 150 10.48 5.59 -0.19
CA LEU A 150 9.35 5.06 -0.96
C LEU A 150 8.30 6.16 -1.09
N GLY A 151 8.04 6.57 -2.32
CA GLY A 151 7.08 7.67 -2.57
C GLY A 151 5.65 7.26 -2.31
N ALA A 152 4.79 8.26 -2.17
CA ALA A 152 3.39 8.06 -1.91
C ALA A 152 2.80 7.13 -2.95
N ALA A 153 1.98 6.20 -2.47
CA ALA A 153 1.17 5.31 -3.31
C ALA A 153 1.99 4.38 -4.20
N CYS A 154 3.27 4.16 -3.90
CA CYS A 154 3.97 3.10 -4.61
C CYS A 154 3.57 1.73 -4.05
N HIS A 155 4.02 0.68 -4.76
CA HIS A 155 3.68 -0.70 -4.41
C HIS A 155 4.92 -1.58 -4.67
N LEU A 156 5.47 -2.16 -3.59
CA LEU A 156 6.50 -3.18 -3.64
C LEU A 156 5.80 -4.51 -3.54
N GLY A 157 5.79 -5.27 -4.64
CA GLY A 157 5.01 -6.51 -4.68
C GLY A 157 5.61 -7.62 -3.80
N PRO A 158 4.87 -8.74 -3.65
CA PRO A 158 5.33 -9.83 -2.80
C PRO A 158 6.71 -10.26 -3.15
N ALA A 159 7.53 -10.50 -2.12
CA ALA A 159 8.87 -11.08 -2.25
C ALA A 159 9.82 -10.19 -3.06
N SER A 160 9.51 -8.91 -3.26
CA SER A 160 10.41 -7.95 -3.86
C SER A 160 11.47 -7.53 -2.84
N ALA A 161 12.57 -6.95 -3.31
CA ALA A 161 13.65 -6.57 -2.40
C ALA A 161 14.38 -5.33 -2.93
N LEU A 162 14.56 -4.35 -2.07
CA LEU A 162 15.40 -3.17 -2.30
C LEU A 162 16.60 -3.25 -1.40
N ALA A 163 17.79 -3.12 -2.02
CA ALA A 163 19.03 -2.99 -1.23
C ALA A 163 19.09 -1.52 -0.69
N GLY A 164 20.24 -1.17 -0.12
CA GLY A 164 20.27 0.11 0.56
C GLY A 164 20.20 1.32 -0.30
N GLY A 165 19.59 2.39 0.18
CA GLY A 165 19.66 3.68 -0.50
C GLY A 165 18.86 3.76 -1.80
N VAL A 166 17.84 2.95 -1.96
CA VAL A 166 17.00 2.96 -3.14
C VAL A 166 15.84 3.93 -2.96
N SER A 167 15.53 4.69 -4.03
CA SER A 167 14.38 5.61 -4.06
C SER A 167 13.38 5.13 -5.10
N VAL A 168 12.12 5.06 -4.71
CA VAL A 168 11.02 4.59 -5.53
C VAL A 168 10.00 5.73 -5.68
N GLY A 169 9.70 6.14 -6.88
CA GLY A 169 8.82 7.27 -7.11
C GLY A 169 7.35 6.98 -6.80
N GLU A 170 6.58 8.09 -6.70
CA GLU A 170 5.16 8.00 -6.45
CA GLU A 170 5.16 8.02 -6.46
C GLU A 170 4.50 7.08 -7.48
N ARG A 171 3.63 6.21 -6.98
CA ARG A 171 2.80 5.30 -7.80
C ARG A 171 3.63 4.28 -8.58
N ALA A 172 4.93 4.14 -8.39
CA ALA A 172 5.65 3.10 -9.04
C ALA A 172 5.20 1.71 -8.51
N PHE A 173 5.42 0.70 -9.35
CA PHE A 173 5.01 -0.68 -9.02
C PHE A 173 6.10 -1.66 -9.37
N LEU A 174 6.52 -2.45 -8.38
CA LEU A 174 7.49 -3.49 -8.56
C LEU A 174 6.77 -4.84 -8.43
N GLY A 175 6.82 -5.64 -9.49
CA GLY A 175 6.14 -6.94 -9.50
C GLY A 175 6.78 -7.96 -8.56
N VAL A 176 6.06 -9.11 -8.43
CA VAL A 176 6.51 -10.17 -7.52
C VAL A 176 7.98 -10.52 -7.80
N GLY A 177 8.78 -10.51 -6.72
CA GLY A 177 10.16 -10.88 -6.83
C GLY A 177 11.07 -9.94 -7.55
N ALA A 178 10.68 -8.70 -7.79
CA ALA A 178 11.61 -7.70 -8.37
C ALA A 178 12.71 -7.38 -7.38
N ARG A 179 13.88 -6.97 -7.88
CA ARG A 179 15.08 -6.67 -7.12
CA ARG A 179 15.03 -6.62 -7.03
C ARG A 179 15.67 -5.35 -7.54
N VAL A 180 16.20 -4.54 -6.62
CA VAL A 180 16.85 -3.29 -6.97
C VAL A 180 18.19 -3.21 -6.19
N ILE A 181 19.28 -2.93 -6.90
CA ILE A 181 20.61 -2.86 -6.29
C ILE A 181 20.83 -1.50 -5.59
N PRO A 182 21.86 -1.38 -4.75
CA PRO A 182 21.97 -0.17 -3.96
C PRO A 182 22.06 1.10 -4.74
N GLY A 183 21.43 2.17 -4.19
CA GLY A 183 21.57 3.52 -4.68
C GLY A 183 20.74 3.88 -5.91
N VAL A 184 20.00 2.95 -6.45
CA VAL A 184 19.19 3.22 -7.66
C VAL A 184 17.98 4.05 -7.32
N THR A 185 17.59 4.90 -8.29
CA THR A 185 16.37 5.69 -8.26
C THR A 185 15.46 5.22 -9.38
N ILE A 186 14.18 4.97 -9.04
CA ILE A 186 13.11 4.60 -9.98
C ILE A 186 12.08 5.68 -10.01
N GLY A 187 11.76 6.17 -11.20
CA GLY A 187 10.84 7.27 -11.36
C GLY A 187 9.40 6.98 -10.99
N ALA A 188 8.62 8.04 -10.85
CA ALA A 188 7.21 7.95 -10.61
C ALA A 188 6.53 7.21 -11.78
N ASP A 189 5.45 6.46 -11.43
CA ASP A 189 4.59 5.80 -12.43
C ASP A 189 5.30 4.72 -13.20
N THR A 190 6.48 4.28 -12.82
CA THR A 190 7.18 3.21 -13.52
C THR A 190 6.77 1.86 -13.01
N ILE A 191 6.80 0.86 -13.91
CA ILE A 191 6.50 -0.53 -13.59
C ILE A 191 7.75 -1.38 -13.84
N VAL A 192 8.13 -2.16 -12.85
CA VAL A 192 9.16 -3.21 -13.00
C VAL A 192 8.42 -4.53 -13.02
N GLY A 193 8.58 -5.28 -14.10
CA GLY A 193 7.92 -6.60 -14.17
C GLY A 193 8.35 -7.55 -13.11
N ALA A 194 7.54 -8.59 -12.89
CA ALA A 194 7.91 -9.69 -11.97
C ALA A 194 9.31 -10.19 -12.27
N GLY A 195 10.11 -10.38 -11.22
CA GLY A 195 11.46 -10.86 -11.39
C GLY A 195 12.47 -9.92 -11.95
N GLY A 196 12.09 -8.68 -12.29
CA GLY A 196 13.06 -7.75 -12.89
C GLY A 196 14.14 -7.37 -11.88
N VAL A 197 15.38 -7.27 -12.37
CA VAL A 197 16.54 -6.94 -11.54
C VAL A 197 17.10 -5.59 -12.04
N VAL A 198 16.82 -4.53 -11.30
CA VAL A 198 17.12 -3.15 -11.70
C VAL A 198 18.52 -2.75 -11.28
N VAL A 199 19.37 -2.47 -12.25
CA VAL A 199 20.78 -2.22 -12.05
C VAL A 199 21.20 -0.78 -12.48
N ARG A 200 20.26 0.05 -12.91
CA ARG A 200 20.52 1.42 -13.30
C ARG A 200 19.23 2.21 -13.04
N ASP A 201 19.38 3.50 -12.83
CA ASP A 201 18.20 4.37 -12.62
C ASP A 201 17.22 4.25 -13.77
N LEU A 202 15.94 4.30 -13.39
CA LEU A 202 14.82 4.31 -14.32
C LEU A 202 14.10 5.66 -14.27
N PRO A 203 13.76 6.21 -15.45
CA PRO A 203 13.00 7.45 -15.52
C PRO A 203 11.52 7.18 -15.11
N ASP A 204 10.75 8.24 -15.13
CA ASP A 204 9.31 8.18 -14.91
C ASP A 204 8.59 7.46 -16.07
N SER A 205 7.48 6.83 -15.77
CA SER A 205 6.53 6.36 -16.78
C SER A 205 7.11 5.38 -17.79
N VAL A 206 7.93 4.45 -17.33
CA VAL A 206 8.40 3.37 -18.19
C VAL A 206 8.04 1.97 -17.62
N LEU A 207 8.16 0.96 -18.47
CA LEU A 207 8.10 -0.44 -18.10
C LEU A 207 9.46 -1.04 -18.30
N ALA A 208 9.99 -1.76 -17.30
CA ALA A 208 11.28 -2.43 -17.40
C ALA A 208 11.10 -3.90 -16.94
N ILE A 209 11.68 -4.81 -17.74
CA ILE A 209 11.60 -6.25 -17.53
C ILE A 209 12.95 -6.92 -17.76
N GLY A 210 13.19 -8.03 -17.04
CA GLY A 210 14.33 -8.86 -17.33
C GLY A 210 15.40 -8.86 -16.25
N VAL A 211 16.39 -9.74 -16.48
CA VAL A 211 17.58 -9.81 -15.63
C VAL A 211 18.79 -9.61 -16.56
N PRO A 212 19.38 -8.41 -16.62
CA PRO A 212 18.99 -7.20 -15.90
C PRO A 212 17.76 -6.55 -16.56
N ALA A 213 17.09 -5.68 -15.83
CA ALA A 213 15.87 -5.06 -16.34
C ALA A 213 16.22 -4.08 -17.45
N LYS A 214 15.42 -4.12 -18.52
CA LYS A 214 15.56 -3.26 -19.67
CA LYS A 214 15.55 -3.31 -19.71
C LYS A 214 14.20 -2.66 -20.01
N ILE A 215 14.22 -1.37 -20.35
CA ILE A 215 12.99 -0.65 -20.73
C ILE A 215 12.42 -1.24 -22.01
N LYS A 216 11.12 -1.49 -21.99
CA LYS A 216 10.33 -2.01 -23.09
CA LYS A 216 10.36 -2.01 -23.14
C LYS A 216 9.48 -0.89 -23.64
N GLY A 217 9.72 -0.45 -24.88
CA GLY A 217 8.99 0.62 -25.58
C GLY A 217 7.56 0.28 -25.83
#